data_6W4T
#
_entry.id   6W4T
#
_cell.length_a   45.659
_cell.length_b   148.315
_cell.length_c   153.235
_cell.angle_alpha   90.000
_cell.angle_beta   90.000
_cell.angle_gamma   90.000
#
_symmetry.space_group_name_H-M   'P 21 21 21'
#
loop_
_entity.id
_entity.type
_entity.pdbx_description
1 polymer 'DNA-(apurinic or apyrimidinic site) lyase'
2 polymer "DNA (5'-D(P*GP*CP*TP*GP*AP*TP*GP*CP*GP*TP*(48Z)P*CP*GP*AP*CP*GP*GP*AP*TP*CP*C)-3')"
3 polymer "DNA (5'-D(*GP*GP*AP*TP*CP*CP*GP*TP*CP*GP*GP*AP*CP*GP*CP*AP*TP*CP*AP*GP*C)-3')"
4 water water
#
loop_
_entity_poly.entity_id
_entity_poly.type
_entity_poly.pdbx_seq_one_letter_code
_entity_poly.pdbx_strand_id
1 'polypeptide(L)'
;ALYEDPPDQKTSPSGKPATLKICSWNVDGLRAWIKKKGLDWVKEEAPDILCLQETKCSENKLPAELQELPGLSHQYWSAP
SDKEGYSGVGLLSRQAPLKVSYGIGDEEHDQEGRVIVAEFDSFVLVTAYVPNAGRGLVRLEYRQRWDEAFRKFLKGLASR
KPLVLCGDLNVAHEEIDLRNPKGNKKNAGFTPQERQGFGELLQAVPLADSFRHLYPNTPYAYTFWTAMMNARSKNVGWRL
DYFLLSHSLLPALCDSKIRSKALGSDHCPITLYLAL
;
A,B
2 'polydeoxyribonucleotide'
;(DG)(DC)(DT)(DG)(DA)(DT)(DG)(DC)(DG)(DT)(DV3)(DC)(DG)(DA)(DC)(DG)(DG)(DA)(DT)
(DC)(DC)
;
P,C
3 'polydeoxyribonucleotide'
;(DG)(DG)(DA)(DT)(DC)(DC)(DG)(DT)(DC)(DG)(DG)(DA)(DC)(DG)(DC)(DA)(DT)(DC)(DA)(DG)
(DC)
;
V,F
#
loop_
_chem_comp.id
_chem_comp.type
_chem_comp.name
_chem_comp.formula
DA DNA linking 2'-DEOXYADENOSINE-5'-MONOPHOSPHATE 'C10 H14 N5 O6 P'
DC DNA linking 2'-DEOXYCYTIDINE-5'-MONOPHOSPHATE 'C9 H14 N3 O7 P'
DG DNA linking 2'-DEOXYGUANOSINE-5'-MONOPHOSPHATE 'C10 H14 N5 O7 P'
DT DNA linking THYMIDINE-5'-MONOPHOSPHATE 'C10 H15 N2 O8 P'
DV3 non-polymer 1,4-anhydro-2-deoxy-5-O-thiophosphono-D-erythro-pentitol 'C5 H11 O5 P S'
#
# COMPACT_ATOMS: atom_id res chain seq x y z
N ALA A 1 19.53 -19.87 9.97
CA ALA A 1 19.95 -19.29 11.24
C ALA A 1 20.86 -18.09 10.97
N LEU A 2 21.97 -18.33 10.28
CA LEU A 2 22.83 -17.25 9.87
C LEU A 2 22.25 -16.55 8.63
N TYR A 3 22.75 -15.33 8.36
CA TYR A 3 22.23 -14.47 7.29
C TYR A 3 23.38 -13.87 6.47
N GLU A 4 23.22 -13.87 5.17
CA GLU A 4 24.17 -13.20 4.28
C GLU A 4 23.36 -12.27 3.41
N ASP A 5 23.68 -10.99 3.46
CA ASP A 5 22.97 -10.02 2.66
C ASP A 5 23.36 -10.11 1.23
N PRO A 6 22.40 -9.90 0.35
CA PRO A 6 22.52 -9.96 -1.10
C PRO A 6 23.40 -8.90 -1.70
N PRO A 7 23.85 -9.13 -2.92
CA PRO A 7 24.66 -8.10 -3.55
C PRO A 7 23.90 -6.78 -3.73
N ASP A 8 24.60 -5.68 -3.62
CA ASP A 8 23.95 -4.39 -3.77
C ASP A 8 23.38 -4.19 -5.15
N GLN A 9 22.09 -3.92 -5.22
CA GLN A 9 21.36 -3.68 -6.44
C GLN A 9 21.31 -2.19 -6.66
N LYS A 10 22.14 -1.67 -7.55
CA LYS A 10 22.23 -0.23 -7.72
C LYS A 10 21.48 0.36 -8.88
N THR A 11 20.53 -0.39 -9.41
CA THR A 11 19.65 0.06 -10.49
C THR A 11 18.19 -0.24 -10.15
N SER A 12 17.33 0.77 -10.33
CA SER A 12 15.90 0.71 -10.03
C SER A 12 15.20 -0.31 -10.92
N PRO A 13 13.98 -0.71 -10.60
CA PRO A 13 13.25 -1.58 -11.53
C PRO A 13 13.22 -1.05 -12.95
N SER A 14 13.12 0.27 -13.12
CA SER A 14 13.04 0.88 -14.44
C SER A 14 14.39 1.00 -15.14
N GLY A 15 15.43 0.44 -14.55
CA GLY A 15 16.74 0.50 -15.13
C GLY A 15 17.53 1.73 -14.77
N LYS A 16 16.86 2.67 -14.14
CA LYS A 16 17.50 3.90 -13.72
C LYS A 16 18.52 3.60 -12.66
N PRO A 17 19.67 4.24 -12.74
CA PRO A 17 20.66 3.94 -11.71
C PRO A 17 20.40 4.68 -10.43
N ALA A 18 20.98 4.17 -9.35
CA ALA A 18 20.92 4.82 -8.06
C ALA A 18 21.60 6.18 -8.10
N THR A 19 21.06 7.11 -7.31
CA THR A 19 21.63 8.43 -7.10
C THR A 19 21.73 8.82 -5.63
N LEU A 20 20.95 8.20 -4.75
CA LEU A 20 20.96 8.48 -3.33
C LEU A 20 21.38 7.24 -2.53
N LYS A 21 22.40 7.41 -1.70
CA LYS A 21 22.82 6.37 -0.78
C LYS A 21 22.66 6.91 0.64
N ILE A 22 21.51 6.65 1.24
CA ILE A 22 21.29 6.96 2.65
C ILE A 22 21.68 5.74 3.47
N CYS A 23 22.48 5.96 4.51
CA CYS A 23 22.81 4.92 5.46
C CYS A 23 22.42 5.37 6.86
N SER A 24 21.63 4.57 7.56
CA SER A 24 21.27 4.82 8.95
C SER A 24 21.96 3.78 9.84
N TRP A 25 22.09 4.07 11.14
CA TRP A 25 22.88 3.22 12.04
C TRP A 25 22.85 3.60 13.52
N ASN A 26 22.26 2.76 14.37
CA ASN A 26 22.31 2.92 15.82
C ASN A 26 23.73 2.58 16.30
N VAL A 27 24.45 3.58 16.85
CA VAL A 27 25.88 3.43 17.17
C VAL A 27 26.15 2.94 18.60
N ASP A 28 25.13 2.89 19.46
CA ASP A 28 25.31 2.50 20.86
C ASP A 28 26.52 3.22 21.46
N GLY A 29 26.40 4.54 21.50
CA GLY A 29 27.45 5.41 21.97
C GLY A 29 28.30 5.93 20.84
N LEU A 30 28.21 7.25 20.56
CA LEU A 30 28.93 7.79 19.42
C LEU A 30 30.44 7.81 19.66
N ARG A 31 30.87 8.01 20.91
CA ARG A 31 32.32 8.06 21.15
C ARG A 31 32.92 6.67 21.19
N ALA A 32 32.25 5.71 21.83
CA ALA A 32 32.74 4.33 21.80
C ALA A 32 32.77 3.78 20.38
N TRP A 33 31.71 4.05 19.61
CA TRP A 33 31.63 3.60 18.23
C TRP A 33 32.79 4.11 17.40
N ILE A 34 33.18 5.38 17.57
CA ILE A 34 34.32 5.90 16.83
C ILE A 34 35.59 5.22 17.30
N LYS A 35 35.72 5.00 18.61
CA LYS A 35 36.84 4.22 19.12
C LYS A 35 36.83 2.80 18.56
N LYS A 36 35.66 2.29 18.17
CA LYS A 36 35.57 0.97 17.55
C LYS A 36 35.70 1.02 16.03
N LYS A 37 36.33 2.06 15.48
CA LYS A 37 36.62 2.18 14.05
C LYS A 37 35.36 2.28 13.20
N GLY A 38 34.25 2.71 13.81
CA GLY A 38 33.00 2.84 13.08
C GLY A 38 33.11 3.71 11.84
N LEU A 39 33.84 4.81 11.93
CA LEU A 39 33.89 5.70 10.79
C LEU A 39 34.75 5.17 9.66
N ASP A 40 35.67 4.26 9.95
CA ASP A 40 36.42 3.65 8.85
C ASP A 40 35.50 2.80 8.03
N TRP A 41 34.55 2.13 8.68
CA TRP A 41 33.50 1.46 7.94
C TRP A 41 32.67 2.47 7.14
N VAL A 42 32.21 3.54 7.79
CA VAL A 42 31.34 4.51 7.12
C VAL A 42 32.02 5.06 5.87
N LYS A 43 33.31 5.37 5.96
CA LYS A 43 34.01 5.92 4.81
C LYS A 43 33.96 4.96 3.63
N GLU A 44 33.98 3.65 3.89
CA GLU A 44 33.93 2.68 2.82
C GLU A 44 32.51 2.57 2.23
N GLU A 45 31.49 2.62 3.08
CA GLU A 45 30.12 2.63 2.59
C GLU A 45 29.76 3.92 1.82
N ALA A 46 30.48 5.02 2.08
CA ALA A 46 30.43 6.23 1.26
C ALA A 46 29.01 6.76 1.01
N PRO A 47 28.19 6.90 2.04
CA PRO A 47 26.81 7.32 1.80
C PRO A 47 26.73 8.77 1.35
N ASP A 48 25.61 9.05 0.67
CA ASP A 48 25.15 10.42 0.51
C ASP A 48 24.77 11.01 1.84
N ILE A 49 24.05 10.24 2.65
CA ILE A 49 23.50 10.72 3.91
C ILE A 49 23.74 9.65 4.95
N LEU A 50 24.23 10.06 6.12
CA LEU A 50 24.44 9.18 7.26
C LEU A 50 23.57 9.65 8.41
N CYS A 51 22.68 8.77 8.90
CA CYS A 51 21.80 9.06 10.03
C CYS A 51 22.22 8.19 11.21
N LEU A 52 22.20 8.75 12.43
CA LEU A 52 22.74 8.03 13.59
C LEU A 52 21.74 8.05 14.73
N GLN A 53 21.73 6.99 15.55
CA GLN A 53 20.77 6.84 16.65
C GLN A 53 21.48 6.33 17.90
N GLU A 54 21.05 6.81 19.08
CA GLU A 54 21.71 6.54 20.36
C GLU A 54 23.15 7.08 20.35
N THR A 55 23.32 8.35 19.95
CA THR A 55 24.65 8.95 19.93
C THR A 55 25.23 9.01 21.34
N LYS A 56 24.37 9.38 22.27
CA LYS A 56 24.71 9.55 23.68
C LYS A 56 25.84 10.53 23.81
N CYS A 57 25.80 11.57 23.00
CA CYS A 57 26.82 12.58 23.00
C CYS A 57 26.22 13.97 22.90
N SER A 58 26.80 14.93 23.61
CA SER A 58 26.35 16.32 23.58
C SER A 58 27.12 17.02 22.50
N GLU A 59 26.52 18.00 21.87
CA GLU A 59 27.17 18.71 20.77
C GLU A 59 28.51 19.31 21.19
N ASN A 60 28.65 19.65 22.47
CA ASN A 60 29.95 20.03 23.01
C ASN A 60 30.99 18.92 22.82
N LYS A 61 30.75 17.75 23.43
CA LYS A 61 31.73 16.67 23.56
C LYS A 61 31.84 15.77 22.30
N LEU A 62 31.41 16.22 21.13
CA LEU A 62 31.52 15.39 19.93
C LEU A 62 32.99 15.09 19.63
N PRO A 63 33.33 13.88 19.23
CA PRO A 63 34.73 13.59 18.91
C PRO A 63 35.22 14.46 17.77
N ALA A 64 36.54 14.44 17.59
CA ALA A 64 37.14 15.26 16.54
C ALA A 64 37.03 14.58 15.17
N GLU A 65 37.13 13.25 15.15
CA GLU A 65 37.04 12.51 13.89
C GLU A 65 35.87 13.00 13.04
N LEU A 66 34.78 13.46 13.66
CA LEU A 66 33.55 13.87 12.99
C LEU A 66 33.75 15.05 12.07
N GLN A 67 34.99 15.52 11.98
CA GLN A 67 35.43 16.61 11.11
C GLN A 67 36.16 16.07 9.89
N GLU A 68 36.92 15.01 10.13
CA GLU A 68 37.69 14.35 9.11
C GLU A 68 36.84 13.64 8.09
N LEU A 69 35.55 13.97 8.07
CA LEU A 69 34.65 13.40 7.10
C LEU A 69 34.41 14.51 6.11
N PRO A 70 35.04 14.42 4.94
CA PRO A 70 34.95 15.45 3.92
C PRO A 70 33.84 15.23 2.94
N GLY A 71 33.09 14.16 3.11
CA GLY A 71 32.00 13.91 2.21
C GLY A 71 30.69 14.22 2.87
N LEU A 72 30.71 14.45 4.18
CA LEU A 72 29.50 14.73 4.94
C LEU A 72 29.69 15.99 5.80
N SER A 73 30.01 17.10 5.13
CA SER A 73 30.33 18.35 5.82
C SER A 73 29.18 18.79 6.70
N HIS A 74 27.95 18.70 6.20
CA HIS A 74 26.78 19.27 6.86
C HIS A 74 26.24 18.27 7.88
N GLN A 75 26.42 18.58 9.16
CA GLN A 75 26.14 17.65 10.24
C GLN A 75 25.24 18.33 11.24
N TYR A 76 24.15 17.66 11.60
CA TYR A 76 23.10 18.22 12.43
C TYR A 76 22.88 17.24 13.57
N TRP A 77 22.98 17.73 14.80
CA TRP A 77 22.93 16.88 15.97
C TRP A 77 21.65 17.16 16.76
N SER A 78 21.44 16.41 17.84
CA SER A 78 20.19 16.46 18.60
C SER A 78 20.27 15.62 19.86
N ALA A 79 19.99 16.21 21.02
CA ALA A 79 20.22 15.61 22.32
C ALA A 79 19.04 15.89 23.22
N PRO A 80 18.86 15.11 24.29
CA PRO A 80 17.82 15.43 25.27
C PRO A 80 18.18 16.68 26.04
N SER A 81 17.16 17.48 26.35
CA SER A 81 17.35 18.69 27.15
C SER A 81 17.72 18.36 28.60
N ASP A 82 16.95 17.50 29.26
CA ASP A 82 17.11 17.19 30.68
C ASP A 82 18.54 16.78 31.06
N LYS A 83 19.01 15.62 30.58
CA LYS A 83 20.27 15.08 31.08
C LYS A 83 21.07 14.37 29.99
N GLU A 84 22.37 14.67 29.99
CA GLU A 84 23.44 13.99 29.26
C GLU A 84 23.37 12.47 29.29
N GLY A 85 23.86 11.83 28.22
CA GLY A 85 24.20 10.40 28.20
C GLY A 85 23.11 9.47 27.70
N TYR A 86 22.01 10.01 27.20
CA TYR A 86 20.84 9.24 26.83
C TYR A 86 20.49 9.59 25.40
N SER A 87 20.13 8.56 24.62
CA SER A 87 19.41 8.73 23.36
C SER A 87 20.23 9.62 22.41
N GLY A 88 19.55 10.37 21.56
CA GLY A 88 20.21 11.39 20.78
C GLY A 88 20.62 10.92 19.41
N VAL A 89 20.13 11.64 18.40
CA VAL A 89 20.30 11.26 17.00
C VAL A 89 21.24 12.23 16.30
N GLY A 90 21.84 11.76 15.20
CA GLY A 90 22.62 12.62 14.33
C GLY A 90 22.23 12.41 12.88
N LEU A 91 22.61 13.36 12.03
CA LEU A 91 22.32 13.27 10.61
C LEU A 91 23.43 14.01 9.87
N LEU A 92 24.20 13.30 9.06
CA LEU A 92 25.32 13.88 8.35
C LEU A 92 25.04 13.74 6.86
N SER A 93 25.01 14.86 6.16
CA SER A 93 24.75 14.84 4.75
C SER A 93 25.88 15.41 3.93
N ARG A 94 26.06 14.87 2.75
CA ARG A 94 27.06 15.30 1.80
C ARG A 94 26.78 16.69 1.30
N GLN A 95 25.52 16.95 1.04
CA GLN A 95 25.08 18.23 0.56
C GLN A 95 24.09 18.81 1.53
N ALA A 96 24.07 20.13 1.61
CA ALA A 96 23.25 20.86 2.52
C ALA A 96 21.78 20.76 2.34
N PRO A 97 21.10 20.27 3.34
CA PRO A 97 19.64 20.20 3.19
C PRO A 97 19.03 21.58 3.07
N LEU A 98 18.02 21.69 2.22
CA LEU A 98 17.22 22.90 2.17
C LEU A 98 16.83 23.37 3.57
N LYS A 99 16.35 22.45 4.41
CA LYS A 99 15.76 22.79 5.71
C LYS A 99 16.07 21.64 6.67
N VAL A 100 16.03 21.92 7.97
CA VAL A 100 16.35 20.95 9.02
C VAL A 100 15.50 21.21 10.25
N SER A 101 14.32 20.60 10.36
CA SER A 101 13.51 20.74 11.56
C SER A 101 14.04 19.80 12.66
N TYR A 102 13.37 19.76 13.82
CA TYR A 102 13.71 18.77 14.85
C TYR A 102 12.45 18.36 15.59
N GLY A 103 12.38 17.07 15.95
CA GLY A 103 11.26 16.57 16.71
C GLY A 103 10.01 16.57 15.86
N ILE A 104 8.93 16.06 16.43
CA ILE A 104 7.71 15.84 15.68
C ILE A 104 6.68 16.95 15.93
N GLY A 105 7.14 18.12 16.37
CA GLY A 105 6.23 19.21 16.72
C GLY A 105 5.15 18.83 17.71
N ASP A 106 5.56 18.43 18.92
CA ASP A 106 4.64 18.03 20.00
C ASP A 106 5.49 18.07 21.26
N GLU A 107 5.19 19.03 22.15
CA GLU A 107 6.08 19.32 23.28
C GLU A 107 6.43 18.06 24.05
N GLU A 108 5.45 17.19 24.30
CA GLU A 108 5.67 16.00 25.13
C GLU A 108 6.76 15.09 24.56
N HIS A 109 6.80 14.97 23.23
CA HIS A 109 7.57 13.95 22.55
C HIS A 109 8.88 14.46 21.97
N ASP A 110 9.31 15.66 22.36
CA ASP A 110 10.47 16.28 21.73
C ASP A 110 11.62 16.54 22.69
N GLN A 111 11.46 16.22 23.97
CA GLN A 111 12.47 16.56 24.97
C GLN A 111 13.67 15.65 24.95
N GLU A 112 13.64 14.55 24.19
CA GLU A 112 14.61 13.48 24.37
C GLU A 112 15.60 13.32 23.23
N GLY A 113 15.40 14.00 22.12
CA GLY A 113 16.47 14.04 21.13
C GLY A 113 16.41 12.88 20.15
N ARG A 114 15.21 12.63 19.64
CA ARG A 114 14.88 11.42 18.91
C ARG A 114 14.68 11.64 17.41
N VAL A 115 14.23 12.81 16.97
CA VAL A 115 13.80 12.99 15.59
C VAL A 115 14.56 14.16 14.97
N ILE A 116 14.93 14.00 13.70
CA ILE A 116 15.53 15.07 12.92
C ILE A 116 14.89 15.00 11.54
N VAL A 117 14.13 16.04 11.18
CA VAL A 117 13.62 16.17 9.82
C VAL A 117 14.70 16.83 8.97
N ALA A 118 14.69 16.55 7.66
CA ALA A 118 15.65 17.20 6.78
C ALA A 118 15.03 17.27 5.40
N GLU A 119 14.73 18.47 4.94
CA GLU A 119 14.02 18.62 3.69
C GLU A 119 15.04 18.76 2.57
N PHE A 120 14.78 18.05 1.49
CA PHE A 120 15.61 18.10 0.32
C PHE A 120 14.75 18.51 -0.87
N ASP A 121 15.37 18.67 -2.03
CA ASP A 121 14.64 19.11 -3.19
C ASP A 121 13.52 18.20 -3.63
N SER A 122 13.79 16.90 -3.66
CA SER A 122 12.80 15.97 -4.12
C SER A 122 12.13 15.15 -3.05
N PHE A 123 12.58 15.27 -1.82
CA PHE A 123 11.99 14.50 -0.74
C PHE A 123 12.34 15.05 0.60
N VAL A 124 11.73 14.50 1.64
CA VAL A 124 12.11 14.87 3.00
C VAL A 124 12.56 13.61 3.76
N LEU A 125 13.70 13.71 4.44
CA LEU A 125 14.28 12.64 5.23
C LEU A 125 14.00 12.88 6.71
N VAL A 126 13.35 11.92 7.35
CA VAL A 126 13.19 11.91 8.80
C VAL A 126 13.96 10.72 9.32
N THR A 127 14.90 10.96 10.21
CA THR A 127 15.59 9.89 10.92
C THR A 127 15.14 9.92 12.39
N ALA A 128 14.90 8.75 12.98
CA ALA A 128 14.24 8.69 14.28
C ALA A 128 14.90 7.62 15.15
N TYR A 129 14.67 7.74 16.45
CA TYR A 129 15.10 6.75 17.46
C TYR A 129 13.91 6.59 18.39
N VAL A 130 13.00 5.70 18.03
CA VAL A 130 11.68 5.70 18.67
C VAL A 130 11.83 5.30 20.15
N PRO A 131 11.05 5.89 21.06
CA PRO A 131 11.19 5.53 22.48
C PRO A 131 10.97 4.04 22.70
N ASN A 132 11.90 3.43 23.42
CA ASN A 132 11.78 2.03 23.79
C ASN A 132 10.60 1.82 24.73
N ALA A 133 10.04 0.61 24.73
CA ALA A 133 8.90 0.32 25.58
C ALA A 133 9.33 -0.01 27.02
N GLY A 134 10.59 -0.35 27.19
CA GLY A 134 11.17 -0.62 28.49
C GLY A 134 10.95 -1.96 29.14
N ARG A 135 11.94 -2.41 29.89
CA ARG A 135 11.83 -3.66 30.59
C ARG A 135 10.69 -3.51 31.55
N GLY A 136 9.83 -4.50 31.59
CA GLY A 136 8.68 -4.43 32.46
C GLY A 136 7.58 -3.68 31.78
N LEU A 137 7.79 -3.26 30.53
CA LEU A 137 6.82 -2.52 29.76
C LEU A 137 6.33 -1.34 30.56
N VAL A 138 7.21 -0.80 31.38
CA VAL A 138 6.78 0.28 32.24
C VAL A 138 6.59 1.56 31.45
N ARG A 139 7.30 1.72 30.34
CA ARG A 139 7.10 2.87 29.45
C ARG A 139 6.22 2.53 28.26
N LEU A 140 5.33 1.53 28.37
CA LEU A 140 4.61 1.10 27.18
C LEU A 140 3.49 2.07 26.80
N GLU A 141 2.82 2.66 27.79
CA GLU A 141 1.72 3.59 27.49
C GLU A 141 2.26 4.92 26.96
N TYR A 142 3.44 5.36 27.41
CA TYR A 142 4.09 6.48 26.73
C TYR A 142 4.25 6.18 25.23
N ARG A 143 4.81 5.01 24.92
CA ARG A 143 5.13 4.61 23.55
C ARG A 143 3.89 4.64 22.66
N GLN A 144 2.72 4.28 23.21
CA GLN A 144 1.48 4.39 22.46
C GLN A 144 1.12 5.85 22.19
N ARG A 145 1.20 6.69 23.22
CA ARG A 145 1.02 8.13 23.03
C ARG A 145 1.90 8.59 21.89
N TRP A 146 3.19 8.23 21.95
CA TRP A 146 4.16 8.61 20.93
C TRP A 146 3.79 8.03 19.56
N ASP A 147 3.48 6.73 19.50
CA ASP A 147 3.15 6.11 18.23
C ASP A 147 2.12 6.94 17.46
N GLU A 148 1.01 7.26 18.12
CA GLU A 148 -0.04 8.03 17.47
C GLU A 148 0.43 9.44 17.11
N ALA A 149 1.23 10.07 17.98
CA ALA A 149 1.70 11.43 17.67
C ALA A 149 2.73 11.42 16.54
N PHE A 150 3.51 10.34 16.41
CA PHE A 150 4.48 10.22 15.34
C PHE A 150 3.83 9.80 14.03
N ARG A 151 2.88 8.85 14.12
CA ARG A 151 2.05 8.55 12.96
C ARG A 151 1.41 9.83 12.42
N LYS A 152 0.72 10.60 13.28
CA LYS A 152 0.05 11.82 12.82
C LYS A 152 1.05 12.80 12.22
N PHE A 153 2.22 12.93 12.85
CA PHE A 153 3.23 13.85 12.32
C PHE A 153 3.60 13.48 10.90
N LEU A 154 4.14 12.26 10.72
CA LEU A 154 4.66 11.81 9.42
C LEU A 154 3.59 11.82 8.33
N LYS A 155 2.39 11.30 8.63
CA LYS A 155 1.26 11.43 7.71
C LYS A 155 1.15 12.84 7.16
N GLY A 156 1.21 13.84 8.04
CA GLY A 156 1.19 15.21 7.57
C GLY A 156 2.36 15.53 6.66
N LEU A 157 3.57 15.14 7.07
CA LEU A 157 4.75 15.58 6.36
C LEU A 157 4.85 14.91 4.99
N ALA A 158 4.29 13.70 4.86
CA ALA A 158 4.22 13.02 3.57
C ALA A 158 3.12 13.58 2.66
N SER A 159 2.13 14.25 3.20
CA SER A 159 1.32 15.11 2.35
C SER A 159 2.19 16.07 1.55
N ARG A 160 3.07 16.80 2.24
CA ARG A 160 3.71 17.95 1.62
C ARG A 160 4.86 17.55 0.69
N LYS A 161 5.43 16.34 0.85
CA LYS A 161 6.65 15.98 0.13
C LYS A 161 6.98 14.52 0.38
N PRO A 162 7.42 13.79 -0.66
CA PRO A 162 7.79 12.39 -0.48
C PRO A 162 8.67 12.17 0.74
N LEU A 163 8.38 11.11 1.48
CA LEU A 163 8.93 10.89 2.81
C LEU A 163 9.84 9.67 2.85
N VAL A 164 11.00 9.84 3.46
CA VAL A 164 11.94 8.74 3.70
C VAL A 164 12.12 8.67 5.21
N LEU A 165 11.49 7.70 5.85
CA LEU A 165 11.67 7.54 7.28
C LEU A 165 12.66 6.44 7.53
N CYS A 166 13.69 6.72 8.30
CA CYS A 166 14.69 5.72 8.58
C CYS A 166 15.18 5.78 10.01
N GLY A 167 15.86 4.72 10.44
CA GLY A 167 16.40 4.68 11.77
C GLY A 167 15.80 3.59 12.63
N ASP A 168 16.29 3.50 13.85
CA ASP A 168 15.80 2.53 14.83
C ASP A 168 14.39 2.88 15.28
N LEU A 169 13.41 2.10 14.82
CA LEU A 169 12.00 2.30 15.16
C LEU A 169 11.53 1.48 16.34
N ASN A 170 12.38 0.59 16.86
CA ASN A 170 12.20 -0.13 18.14
C ASN A 170 10.89 -0.92 18.24
N VAL A 171 10.42 -1.47 17.12
CA VAL A 171 9.52 -2.60 17.15
C VAL A 171 9.95 -3.54 16.02
N ALA A 172 9.60 -4.81 16.17
CA ALA A 172 9.79 -5.81 15.12
C ALA A 172 8.40 -6.14 14.61
N HIS A 173 8.14 -5.81 13.35
CA HIS A 173 6.75 -5.77 12.88
C HIS A 173 6.07 -7.12 12.96
N GLU A 174 6.60 -8.11 12.27
CA GLU A 174 5.99 -9.43 12.26
C GLU A 174 6.90 -10.40 13.00
N GLU A 175 6.36 -11.62 13.19
CA GLU A 175 7.16 -12.68 13.75
C GLU A 175 8.43 -12.91 12.95
N ILE A 176 8.36 -12.72 11.63
CA ILE A 176 9.52 -12.96 10.78
C ILE A 176 10.66 -11.97 11.09
N ASP A 177 10.33 -10.82 11.68
CA ASP A 177 11.29 -9.74 11.87
C ASP A 177 12.07 -9.90 13.16
N LEU A 178 12.11 -11.13 13.70
CA LEU A 178 12.84 -11.48 14.91
C LEU A 178 13.02 -12.98 15.05
N ARG A 179 14.10 -13.35 15.70
CA ARG A 179 14.48 -14.72 15.96
C ARG A 179 13.58 -15.51 16.87
N ASN A 180 13.08 -14.90 17.93
CA ASN A 180 12.22 -15.57 18.91
C ASN A 180 10.89 -14.88 19.19
N PRO A 181 9.94 -14.97 18.25
CA PRO A 181 8.65 -14.31 18.30
C PRO A 181 7.75 -14.68 19.46
N LYS A 182 7.58 -15.95 19.76
CA LYS A 182 6.72 -16.33 20.86
C LYS A 182 7.17 -15.98 22.28
N GLY A 183 8.45 -16.15 22.58
CA GLY A 183 8.91 -15.88 23.93
C GLY A 183 9.06 -14.42 24.28
N ASN A 184 8.60 -13.56 23.37
CA ASN A 184 8.68 -12.11 23.46
C ASN A 184 7.36 -11.40 23.18
N LYS A 185 6.23 -12.12 23.04
CA LYS A 185 4.95 -11.45 22.80
C LYS A 185 4.67 -10.39 23.88
N LYS A 186 5.38 -10.46 25.00
CA LYS A 186 5.23 -9.53 26.10
C LYS A 186 6.53 -8.78 26.41
N ASN A 187 7.51 -8.84 25.51
CA ASN A 187 8.73 -8.04 25.68
C ASN A 187 8.61 -6.69 24.99
N ALA A 188 9.35 -5.72 25.53
CA ALA A 188 9.47 -4.42 24.88
C ALA A 188 10.01 -4.59 23.46
N GLY A 189 9.21 -4.18 22.49
CA GLY A 189 9.62 -4.26 21.11
C GLY A 189 8.85 -5.27 20.27
N PHE A 190 7.98 -6.08 20.88
CA PHE A 190 7.17 -7.03 20.12
C PHE A 190 5.80 -7.22 20.75
N THR A 191 5.34 -6.26 21.55
CA THR A 191 4.00 -6.33 22.07
C THR A 191 2.99 -6.16 20.94
N PRO A 192 1.80 -6.77 21.08
CA PRO A 192 0.69 -6.47 20.18
C PRO A 192 0.50 -4.99 19.87
N GLN A 193 0.65 -4.17 20.91
CA GLN A 193 0.42 -2.73 20.77
C GLN A 193 1.52 -2.08 19.92
N GLU A 194 2.79 -2.34 20.24
CA GLU A 194 3.87 -1.85 19.41
C GLU A 194 3.70 -2.31 17.96
N ARG A 195 3.39 -3.60 17.77
CA ARG A 195 3.27 -4.15 16.42
C ARG A 195 2.08 -3.56 15.66
N GLN A 196 0.96 -3.31 16.34
CA GLN A 196 -0.18 -2.72 15.64
C GLN A 196 0.01 -1.24 15.35
N GLY A 197 0.75 -0.52 16.19
CA GLY A 197 1.06 0.87 15.91
C GLY A 197 1.78 0.98 14.59
N PHE A 198 2.87 0.24 14.47
CA PHE A 198 3.67 0.17 13.25
C PHE A 198 2.82 -0.20 12.03
N GLY A 199 2.10 -1.32 12.11
CA GLY A 199 1.15 -1.65 11.06
C GLY A 199 0.24 -0.49 10.73
N GLU A 200 -0.25 0.21 11.76
CA GLU A 200 -1.13 1.37 11.53
C GLU A 200 -0.39 2.49 10.82
N LEU A 201 0.80 2.84 11.32
CA LEU A 201 1.64 3.84 10.67
C LEU A 201 1.93 3.46 9.24
N LEU A 202 2.17 2.18 8.99
CA LEU A 202 2.50 1.73 7.65
C LEU A 202 1.41 2.09 6.65
N GLN A 203 0.15 2.02 7.06
CA GLN A 203 -0.91 2.28 6.10
C GLN A 203 -1.62 3.63 6.29
N ALA A 204 -1.56 4.24 7.47
CA ALA A 204 -2.24 5.54 7.65
C ALA A 204 -1.55 6.64 6.85
N VAL A 205 -0.22 6.61 6.75
CA VAL A 205 0.53 7.68 6.10
C VAL A 205 0.24 7.75 4.61
N PRO A 206 0.53 6.72 3.78
CA PRO A 206 1.08 5.36 3.94
C PRO A 206 2.56 5.24 3.66
N LEU A 207 3.23 4.32 4.36
CA LEU A 207 4.65 4.07 4.13
C LEU A 207 4.88 2.60 3.81
N ALA A 208 5.94 2.34 3.06
CA ALA A 208 6.32 1.00 2.68
C ALA A 208 7.60 0.60 3.37
N ASP A 209 7.69 -0.67 3.76
CA ASP A 209 8.87 -1.20 4.45
C ASP A 209 9.88 -1.62 3.37
N SER A 210 10.80 -0.70 3.05
CA SER A 210 11.75 -0.85 1.94
C SER A 210 12.31 -2.26 1.79
N PHE A 211 12.79 -2.84 2.89
CA PHE A 211 13.39 -4.16 2.86
C PHE A 211 12.36 -5.24 2.58
N ARG A 212 11.43 -5.43 3.50
CA ARG A 212 10.39 -6.42 3.27
C ARG A 212 9.59 -6.16 1.98
N HIS A 213 9.67 -4.97 1.41
CA HIS A 213 9.06 -4.77 0.10
C HIS A 213 9.83 -5.46 -1.01
N LEU A 214 11.13 -5.69 -0.85
CA LEU A 214 11.88 -6.40 -1.87
C LEU A 214 12.21 -7.82 -1.47
N TYR A 215 12.15 -8.13 -0.18
CA TYR A 215 12.50 -9.45 0.31
C TYR A 215 11.40 -9.88 1.26
N PRO A 216 10.16 -10.00 0.77
CA PRO A 216 9.00 -10.16 1.66
C PRO A 216 8.90 -11.48 2.37
N ASN A 217 9.79 -12.44 2.08
CA ASN A 217 9.70 -13.79 2.62
C ASN A 217 11.00 -14.27 3.26
N THR A 218 12.01 -13.41 3.37
CA THR A 218 13.33 -13.85 3.82
C THR A 218 13.47 -13.63 5.33
N PRO A 219 13.66 -14.67 6.12
CA PRO A 219 13.70 -14.47 7.58
C PRO A 219 15.14 -14.39 8.05
N TYR A 220 15.37 -14.40 9.37
CA TYR A 220 16.71 -14.25 9.95
C TYR A 220 17.40 -12.95 9.54
N ALA A 221 16.62 -11.96 9.08
CA ALA A 221 17.15 -10.70 8.56
C ALA A 221 17.08 -9.70 9.72
N TYR A 222 18.22 -9.42 10.33
CA TYR A 222 18.26 -8.77 11.64
C TYR A 222 19.20 -7.58 11.67
N THR A 223 18.83 -6.56 12.42
CA THR A 223 19.61 -5.35 12.53
C THR A 223 20.14 -5.16 13.93
N PHE A 224 19.55 -5.88 14.88
CA PHE A 224 20.01 -5.79 16.24
C PHE A 224 20.09 -7.14 16.94
N TRP A 225 21.18 -7.39 17.65
CA TRP A 225 21.28 -8.54 18.47
C TRP A 225 21.79 -8.02 19.77
N THR A 226 21.34 -8.58 20.90
CA THR A 226 21.79 -8.34 22.25
C THR A 226 23.22 -8.80 22.43
N ALA A 227 23.89 -8.27 23.44
CA ALA A 227 25.28 -8.59 23.66
C ALA A 227 25.50 -9.42 24.92
N MET A 228 24.44 -9.80 25.63
CA MET A 228 24.57 -10.60 26.85
C MET A 228 24.86 -12.07 26.53
N MET A 229 24.16 -12.63 25.53
CA MET A 229 24.03 -14.07 25.40
C MET A 229 24.46 -14.53 24.01
N ASN A 230 25.61 -14.06 23.53
CA ASN A 230 26.25 -14.62 22.34
C ASN A 230 25.41 -14.44 21.07
N ALA A 231 24.36 -13.61 21.14
CA ALA A 231 23.30 -13.68 20.14
C ALA A 231 23.79 -13.38 18.74
N ARG A 232 24.71 -12.42 18.59
CA ARG A 232 25.06 -11.95 17.25
C ARG A 232 25.75 -13.04 16.45
N SER A 233 26.68 -13.74 17.09
CA SER A 233 27.43 -14.81 16.47
C SER A 233 26.50 -15.93 16.10
N LYS A 234 25.52 -16.17 16.96
CA LYS A 234 24.52 -17.21 16.76
C LYS A 234 23.36 -16.73 15.87
N ASN A 235 23.37 -15.45 15.56
CA ASN A 235 22.41 -14.75 14.74
C ASN A 235 21.03 -14.69 15.30
N VAL A 236 20.90 -14.50 16.60
CA VAL A 236 19.61 -14.38 17.24
C VAL A 236 19.32 -12.90 17.39
N GLY A 237 18.58 -12.34 16.47
CA GLY A 237 18.38 -10.91 16.50
C GLY A 237 17.02 -10.43 16.12
N TRP A 238 16.86 -9.11 16.14
CA TRP A 238 15.61 -8.46 15.81
C TRP A 238 15.83 -7.54 14.62
N ARG A 239 14.76 -7.28 13.87
CA ARG A 239 14.80 -6.23 12.86
C ARG A 239 14.14 -5.00 13.48
N LEU A 240 14.97 -4.15 14.08
CA LEU A 240 14.50 -2.95 14.76
C LEU A 240 14.69 -1.69 13.94
N ASP A 241 15.50 -1.74 12.88
CA ASP A 241 15.95 -0.55 12.16
C ASP A 241 15.43 -0.59 10.72
N TYR A 242 14.69 0.44 10.31
CA TYR A 242 13.91 0.42 9.08
C TYR A 242 14.21 1.57 8.12
N PHE A 243 13.66 1.45 6.91
CA PHE A 243 13.53 2.53 5.93
C PHE A 243 12.08 2.48 5.49
N LEU A 244 11.28 3.46 5.84
CA LEU A 244 9.90 3.49 5.39
C LEU A 244 9.77 4.59 4.35
N LEU A 245 9.24 4.24 3.18
CA LEU A 245 9.13 5.18 2.08
C LEU A 245 7.67 5.41 1.73
N SER A 246 7.36 6.63 1.32
CA SER A 246 6.06 6.90 0.73
C SER A 246 5.96 6.12 -0.57
N HIS A 247 4.73 5.75 -0.96
CA HIS A 247 4.62 4.88 -2.14
C HIS A 247 5.12 5.58 -3.39
N SER A 248 5.08 6.92 -3.41
CA SER A 248 5.68 7.66 -4.52
C SER A 248 7.17 7.31 -4.72
N LEU A 249 7.92 7.03 -3.64
CA LEU A 249 9.33 6.73 -3.82
C LEU A 249 9.58 5.28 -4.21
N LEU A 250 8.52 4.46 -4.24
CA LEU A 250 8.66 3.02 -4.50
C LEU A 250 9.20 2.70 -5.88
N PRO A 251 8.79 3.36 -6.97
CA PRO A 251 9.48 3.14 -8.24
C PRO A 251 10.93 3.59 -8.23
N ALA A 252 11.35 4.39 -7.25
CA ALA A 252 12.73 4.86 -7.17
C ALA A 252 13.61 3.94 -6.35
N LEU A 253 13.07 2.82 -5.87
CA LEU A 253 13.73 1.98 -4.89
C LEU A 253 14.61 0.97 -5.59
N CYS A 254 15.92 1.16 -5.49
CA CYS A 254 16.86 0.18 -6.06
C CYS A 254 17.08 -1.01 -5.13
N ASP A 255 17.33 -0.78 -3.84
CA ASP A 255 17.65 -1.85 -2.91
C ASP A 255 17.71 -1.31 -1.49
N SER A 256 17.62 -2.18 -0.49
CA SER A 256 17.70 -1.87 0.93
C SER A 256 18.54 -2.93 1.65
N LYS A 257 19.73 -2.60 2.09
CA LYS A 257 20.62 -3.55 2.79
C LYS A 257 20.59 -3.62 4.34
N ILE A 258 21.33 -4.60 4.85
CA ILE A 258 21.53 -4.96 6.26
C ILE A 258 22.97 -5.49 6.33
N ARG A 259 23.88 -4.58 6.53
CA ARG A 259 25.33 -4.74 6.47
C ARG A 259 25.79 -5.42 7.76
N SER A 260 25.64 -6.75 7.78
CA SER A 260 25.72 -7.43 9.06
C SER A 260 27.14 -7.69 9.54
N LYS A 261 28.14 -7.47 8.67
CA LYS A 261 29.55 -7.70 9.02
C LYS A 261 30.20 -6.49 9.70
N ALA A 262 29.46 -5.39 9.84
CA ALA A 262 30.00 -4.13 10.35
C ALA A 262 29.84 -4.13 11.86
N LEU A 263 30.95 -4.17 12.57
CA LEU A 263 30.87 -4.11 14.02
C LEU A 263 30.95 -2.65 14.48
N GLY A 264 31.02 -2.45 15.80
CA GLY A 264 31.02 -1.12 16.39
C GLY A 264 29.87 -0.88 17.37
N SER A 265 28.84 -1.71 17.36
CA SER A 265 27.59 -1.42 18.05
C SER A 265 26.72 -2.67 18.11
N ASP A 266 25.79 -2.69 19.08
CA ASP A 266 24.90 -3.85 19.15
C ASP A 266 23.83 -3.83 18.05
N HIS A 267 23.97 -2.90 17.11
CA HIS A 267 23.15 -2.77 15.93
C HIS A 267 24.09 -2.81 14.73
N CYS A 268 23.56 -2.96 13.55
CA CYS A 268 24.40 -2.95 12.36
C CYS A 268 23.78 -2.00 11.37
N PRO A 269 24.59 -1.44 10.48
CA PRO A 269 24.10 -0.48 9.51
C PRO A 269 23.11 -0.98 8.49
N ILE A 270 22.17 -0.12 8.12
CA ILE A 270 21.20 -0.40 7.07
C ILE A 270 21.24 0.70 6.02
N THR A 271 21.43 0.33 4.77
CA THR A 271 21.63 1.28 3.69
C THR A 271 20.47 1.21 2.73
N LEU A 272 20.07 2.38 2.22
CA LEU A 272 19.00 2.50 1.22
C LEU A 272 19.56 3.09 -0.05
N TYR A 273 19.07 2.57 -1.17
CA TYR A 273 19.43 3.02 -2.51
C TYR A 273 18.16 3.50 -3.20
N LEU A 274 18.07 4.81 -3.45
CA LEU A 274 16.92 5.39 -4.10
C LEU A 274 17.34 6.18 -5.33
N ALA A 275 16.64 5.99 -6.43
CA ALA A 275 17.01 6.65 -7.67
C ALA A 275 16.13 7.83 -7.88
N LEU A 276 16.62 8.99 -7.56
CA LEU A 276 15.82 10.16 -7.64
C LEU A 276 16.27 11.04 -8.69
O5' DV3 B 11 16.51 -1.62 22.40
O5' DV3 B 11 16.52 -1.61 22.42
P DV3 B 11 17.49 -0.51 22.62
P DV3 B 11 17.51 -0.50 22.62
SP3 DV3 B 11 16.60 1.04 22.14
SP3 DV3 B 11 19.26 -1.37 22.47
OP2 DV3 B 11 19.21 -0.57 21.74
OP2 DV3 B 11 17.28 0.97 22.76
C2' DV3 B 11 15.17 -5.92 22.08
C2' DV3 B 11 15.33 -5.79 22.00
C5' DV3 B 11 16.54 -3.07 22.36
C5' DV3 B 11 16.46 -2.95 22.40
C4' DV3 B 11 15.43 -3.75 23.11
C4' DV3 B 11 15.36 -3.69 23.12
O4' DV3 B 11 14.23 -3.77 22.30
O4' DV3 B 11 14.17 -3.75 22.30
C1' DV3 B 11 14.24 -4.91 21.46
C1' DV3 B 11 14.20 -4.89 21.49
C3' DV3 B 11 15.72 -5.23 23.32
C3' DV3 B 11 15.73 -5.16 23.31
O3' DV3 B 11 15.03 -5.73 24.47
O3' DV3 B 11 15.04 -5.79 24.39
N ALA D 1 -24.79 16.22 -0.10
CA ALA D 1 -25.24 14.84 -0.27
C ALA D 1 -25.45 14.51 -1.72
N LEU D 2 -24.77 15.23 -2.61
CA LEU D 2 -24.83 14.93 -4.03
C LEU D 2 -23.43 15.19 -4.53
N TYR D 3 -22.63 14.12 -4.40
CA TYR D 3 -21.21 14.03 -4.74
C TYR D 3 -20.86 14.44 -6.17
N GLU D 4 -19.75 15.17 -6.30
CA GLU D 4 -19.21 15.56 -7.59
C GLU D 4 -17.79 15.01 -7.68
N ASP D 5 -17.55 14.12 -8.62
CA ASP D 5 -16.25 13.48 -8.82
C ASP D 5 -15.18 14.51 -9.20
N PRO D 6 -14.01 14.46 -8.56
CA PRO D 6 -12.90 15.37 -8.82
C PRO D 6 -12.23 15.14 -10.12
N PRO D 7 -11.53 16.15 -10.60
CA PRO D 7 -10.85 16.09 -11.90
C PRO D 7 -9.84 14.95 -11.98
N ASP D 8 -9.90 14.17 -13.04
CA ASP D 8 -9.00 13.04 -13.22
C ASP D 8 -7.56 13.37 -13.06
N GLN D 9 -6.86 12.66 -12.20
CA GLN D 9 -5.45 12.90 -12.09
C GLN D 9 -4.87 11.81 -12.97
N LYS D 10 -4.46 12.19 -14.17
CA LYS D 10 -3.96 11.23 -15.13
C LYS D 10 -2.49 11.04 -15.05
N THR D 11 -1.92 11.58 -13.99
CA THR D 11 -0.50 11.45 -13.69
C THR D 11 -0.33 10.81 -12.31
N SER D 12 0.55 9.83 -12.20
CA SER D 12 0.78 9.18 -10.92
C SER D 12 1.66 9.90 -9.92
N PRO D 13 1.59 9.48 -8.67
CA PRO D 13 2.33 9.98 -7.50
C PRO D 13 3.78 10.19 -7.85
N SER D 14 4.40 9.18 -8.43
CA SER D 14 5.78 9.28 -8.90
C SER D 14 5.93 10.09 -10.17
N GLY D 15 4.86 10.69 -10.65
CA GLY D 15 4.98 11.51 -11.84
C GLY D 15 4.90 10.82 -13.17
N LYS D 16 4.73 9.50 -13.16
CA LYS D 16 4.63 8.74 -14.41
C LYS D 16 3.22 8.91 -14.97
N PRO D 17 3.11 9.22 -16.27
CA PRO D 17 1.79 9.40 -16.85
C PRO D 17 1.05 8.08 -16.95
N ALA D 18 -0.27 8.13 -16.91
CA ALA D 18 -1.07 6.93 -16.99
C ALA D 18 -0.87 6.23 -18.31
N THR D 19 -0.85 4.91 -18.25
CA THR D 19 -0.68 4.11 -19.46
C THR D 19 -1.82 3.13 -19.68
N LEU D 20 -2.78 3.06 -18.75
CA LEU D 20 -3.94 2.19 -18.92
C LEU D 20 -5.17 2.88 -18.35
N LYS D 21 -6.26 2.76 -19.08
CA LYS D 21 -7.53 3.36 -18.70
C LYS D 21 -8.55 2.24 -18.81
N ILE D 22 -8.90 1.64 -17.67
CA ILE D 22 -9.87 0.56 -17.62
C ILE D 22 -11.21 1.09 -17.12
N CYS D 23 -12.28 0.63 -17.75
CA CYS D 23 -13.64 1.07 -17.43
C CYS D 23 -14.52 -0.15 -17.22
N SER D 24 -15.09 -0.27 -16.03
CA SER D 24 -16.10 -1.28 -15.68
C SER D 24 -17.48 -0.61 -15.58
N TRP D 25 -18.53 -1.39 -15.86
CA TRP D 25 -19.88 -0.84 -15.88
C TRP D 25 -20.91 -1.95 -15.84
N ASN D 26 -21.77 -1.95 -14.83
CA ASN D 26 -22.92 -2.86 -14.83
C ASN D 26 -23.99 -2.21 -15.68
N VAL D 27 -24.28 -2.79 -16.84
CA VAL D 27 -25.00 -2.10 -17.90
C VAL D 27 -26.50 -2.41 -17.90
N ASP D 28 -26.99 -3.13 -16.88
CA ASP D 28 -28.40 -3.45 -16.71
C ASP D 28 -29.10 -3.72 -18.03
N GLY D 29 -28.70 -4.80 -18.71
CA GLY D 29 -29.22 -5.13 -20.02
C GLY D 29 -28.43 -4.55 -21.18
N LEU D 30 -27.40 -5.26 -21.64
CA LEU D 30 -26.57 -4.78 -22.74
C LEU D 30 -27.40 -4.31 -23.93
N ARG D 31 -28.46 -5.04 -24.27
CA ARG D 31 -29.25 -4.62 -25.43
C ARG D 31 -29.97 -3.30 -25.12
N ALA D 32 -30.56 -3.18 -23.93
CA ALA D 32 -31.17 -1.91 -23.55
C ALA D 32 -30.11 -0.82 -23.46
N TRP D 33 -28.96 -1.13 -22.85
CA TRP D 33 -27.93 -0.13 -22.61
C TRP D 33 -27.44 0.50 -23.92
N ILE D 34 -27.15 -0.34 -24.92
CA ILE D 34 -26.77 0.14 -26.24
C ILE D 34 -27.83 1.09 -26.77
N LYS D 35 -29.08 0.65 -26.69
CA LYS D 35 -30.20 1.44 -27.18
C LYS D 35 -30.39 2.70 -26.36
N LYS D 36 -29.93 2.72 -25.11
CA LYS D 36 -29.89 3.97 -24.34
C LYS D 36 -28.64 4.81 -24.64
N LYS D 37 -28.01 4.56 -25.77
CA LYS D 37 -26.80 5.24 -26.24
C LYS D 37 -25.62 5.08 -25.32
N GLY D 38 -25.51 3.95 -24.66
CA GLY D 38 -24.44 3.66 -23.75
C GLY D 38 -23.08 3.66 -24.42
N LEU D 39 -23.04 3.15 -25.64
CA LEU D 39 -21.84 3.09 -26.46
C LEU D 39 -21.30 4.46 -26.82
N ASP D 40 -22.19 5.43 -26.97
CA ASP D 40 -21.81 6.79 -27.27
C ASP D 40 -21.01 7.40 -26.12
N TRP D 41 -21.31 7.01 -24.88
CA TRP D 41 -20.47 7.46 -23.77
C TRP D 41 -19.15 6.70 -23.74
N VAL D 42 -19.19 5.39 -23.99
CA VAL D 42 -17.96 4.63 -24.06
C VAL D 42 -17.00 5.24 -25.07
N LYS D 43 -17.54 5.70 -26.20
CA LYS D 43 -16.69 6.26 -27.24
C LYS D 43 -15.94 7.49 -26.75
N GLU D 44 -16.57 8.30 -25.90
CA GLU D 44 -15.92 9.50 -25.41
C GLU D 44 -15.01 9.23 -24.22
N GLU D 45 -15.29 8.21 -23.40
CA GLU D 45 -14.34 7.86 -22.37
C GLU D 45 -13.08 7.24 -22.95
N ALA D 46 -13.19 6.55 -24.05
CA ALA D 46 -12.09 5.91 -24.72
C ALA D 46 -11.21 5.10 -23.83
N PRO D 47 -11.77 4.04 -23.27
CA PRO D 47 -11.07 3.14 -22.36
C PRO D 47 -10.20 2.18 -23.09
N ASP D 48 -9.08 1.84 -22.50
CA ASP D 48 -8.20 0.85 -23.06
C ASP D 48 -8.86 -0.53 -22.95
N ILE D 49 -9.57 -0.76 -21.86
CA ILE D 49 -10.29 -2.00 -21.62
C ILE D 49 -11.66 -1.72 -21.04
N LEU D 50 -12.72 -2.25 -21.65
CA LEU D 50 -14.08 -2.06 -21.16
C LEU D 50 -14.66 -3.32 -20.63
N CYS D 51 -15.00 -3.35 -19.35
CA CYS D 51 -15.57 -4.49 -18.66
C CYS D 51 -17.04 -4.26 -18.35
N LEU D 52 -17.94 -5.00 -18.98
CA LEU D 52 -19.37 -4.88 -18.70
C LEU D 52 -19.87 -5.96 -17.74
N GLN D 53 -21.09 -5.77 -17.22
CA GLN D 53 -21.69 -6.67 -16.25
C GLN D 53 -23.19 -6.61 -16.36
N GLU D 54 -23.83 -7.73 -16.03
CA GLU D 54 -25.27 -7.92 -16.25
C GLU D 54 -25.64 -7.57 -17.70
N THR D 55 -24.90 -8.15 -18.65
CA THR D 55 -25.23 -8.02 -20.08
C THR D 55 -26.61 -8.54 -20.35
N LYS D 56 -27.03 -9.56 -19.60
CA LYS D 56 -28.34 -10.16 -19.76
C LYS D 56 -28.63 -10.43 -21.24
N CYS D 57 -27.67 -11.09 -21.90
CA CYS D 57 -27.81 -11.25 -23.34
C CYS D 57 -26.87 -12.32 -23.84
N SER D 58 -27.47 -13.35 -24.48
CA SER D 58 -26.74 -14.46 -25.10
C SER D 58 -25.71 -13.95 -26.10
N GLU D 59 -24.65 -14.70 -26.30
CA GLU D 59 -23.59 -14.29 -27.21
C GLU D 59 -24.02 -14.29 -28.66
N ASN D 60 -25.11 -14.99 -28.96
CA ASN D 60 -25.63 -15.09 -30.31
C ASN D 60 -26.49 -13.92 -30.72
N LYS D 61 -26.78 -13.04 -29.76
CA LYS D 61 -27.64 -11.91 -29.99
C LYS D 61 -27.01 -10.54 -29.74
N LEU D 62 -25.69 -10.46 -29.56
CA LEU D 62 -25.11 -9.14 -29.31
C LEU D 62 -25.33 -8.21 -30.50
N PRO D 63 -25.69 -6.96 -30.26
CA PRO D 63 -25.89 -6.04 -31.39
C PRO D 63 -24.65 -5.88 -32.26
N ALA D 64 -24.85 -5.22 -33.39
CA ALA D 64 -23.76 -5.04 -34.35
C ALA D 64 -22.98 -3.77 -34.11
N GLU D 65 -23.56 -2.93 -33.27
CA GLU D 65 -22.94 -1.70 -32.85
C GLU D 65 -21.66 -2.03 -32.16
N LEU D 66 -21.55 -3.22 -31.63
CA LEU D 66 -20.37 -3.71 -30.97
C LEU D 66 -19.28 -4.07 -31.94
N GLN D 67 -19.55 -4.18 -33.22
CA GLN D 67 -18.52 -4.44 -34.15
C GLN D 67 -18.10 -3.11 -34.79
N GLU D 68 -18.84 -2.06 -34.50
CA GLU D 68 -18.42 -0.71 -34.86
C GLU D 68 -17.56 -0.09 -33.76
N LEU D 69 -16.75 -0.88 -33.06
CA LEU D 69 -15.99 -0.39 -31.90
C LEU D 69 -14.48 -0.52 -32.13
N PRO D 70 -13.92 0.36 -32.98
CA PRO D 70 -12.54 0.12 -33.46
C PRO D 70 -11.48 0.10 -32.37
N GLY D 71 -11.58 0.96 -31.38
CA GLY D 71 -10.64 0.88 -30.28
C GLY D 71 -10.60 -0.48 -29.65
N LEU D 72 -11.74 -0.95 -29.17
CA LEU D 72 -11.84 -2.22 -28.50
C LEU D 72 -12.19 -3.37 -29.41
N SER D 73 -11.23 -3.74 -30.25
CA SER D 73 -11.37 -4.80 -31.25
C SER D 73 -11.62 -6.21 -30.73
N HIS D 74 -11.08 -6.53 -29.58
CA HIS D 74 -11.16 -7.85 -29.03
C HIS D 74 -12.16 -8.01 -27.95
N GLN D 75 -13.29 -8.63 -28.22
CA GLN D 75 -14.32 -8.75 -27.24
C GLN D 75 -14.54 -10.15 -26.71
N TYR D 76 -14.69 -10.29 -25.40
CA TYR D 76 -14.91 -11.59 -24.77
C TYR D 76 -16.18 -11.59 -23.96
N TRP D 77 -17.07 -12.52 -24.20
CA TRP D 77 -18.36 -12.57 -23.52
C TRP D 77 -18.51 -13.85 -22.71
N SER D 78 -19.51 -13.86 -21.83
CA SER D 78 -19.70 -15.00 -20.95
C SER D 78 -21.08 -14.93 -20.29
N ALA D 79 -21.99 -15.80 -20.73
CA ALA D 79 -23.34 -15.82 -20.19
C ALA D 79 -23.69 -17.21 -19.66
N PRO D 80 -24.61 -17.31 -18.70
CA PRO D 80 -24.87 -18.61 -18.09
C PRO D 80 -25.35 -19.62 -19.13
N SER D 81 -25.15 -20.91 -18.81
CA SER D 81 -25.46 -22.00 -19.74
C SER D 81 -26.98 -22.20 -19.86
N ASP D 82 -27.62 -22.51 -18.74
CA ASP D 82 -29.04 -22.29 -18.52
C ASP D 82 -29.26 -20.77 -18.38
N LYS D 83 -30.49 -20.37 -18.05
CA LYS D 83 -30.79 -18.97 -17.70
C LYS D 83 -30.28 -18.00 -18.77
N GLU D 84 -30.89 -18.05 -19.95
CA GLU D 84 -30.54 -16.97 -20.86
C GLU D 84 -31.26 -15.69 -20.44
N GLY D 85 -30.79 -14.56 -20.96
CA GLY D 85 -31.31 -13.27 -20.56
C GLY D 85 -31.00 -12.87 -19.12
N TYR D 86 -29.93 -13.41 -18.54
CA TYR D 86 -29.61 -13.26 -17.13
C TYR D 86 -28.11 -13.14 -16.93
N SER D 87 -27.72 -12.29 -15.96
CA SER D 87 -26.34 -12.09 -15.57
C SER D 87 -25.46 -11.79 -16.79
N GLY D 88 -24.26 -12.33 -16.80
CA GLY D 88 -23.46 -12.30 -17.99
C GLY D 88 -22.58 -11.10 -18.13
N VAL D 89 -21.27 -11.32 -18.16
CA VAL D 89 -20.29 -10.25 -18.18
C VAL D 89 -19.62 -10.18 -19.54
N GLY D 90 -19.07 -9.00 -19.84
CA GLY D 90 -18.28 -8.81 -21.02
C GLY D 90 -16.91 -8.25 -20.67
N LEU D 91 -15.99 -8.37 -21.62
CA LEU D 91 -14.71 -7.67 -21.49
C LEU D 91 -14.26 -7.33 -22.89
N LEU D 92 -14.07 -6.05 -23.16
CA LEU D 92 -13.53 -5.60 -24.42
C LEU D 92 -12.16 -4.99 -24.17
N SER D 93 -11.24 -5.22 -25.09
CA SER D 93 -9.89 -4.74 -24.91
C SER D 93 -9.40 -4.14 -26.22
N ARG D 94 -8.54 -3.13 -26.09
CA ARG D 94 -7.98 -2.48 -27.27
C ARG D 94 -6.94 -3.37 -27.92
N GLN D 95 -6.08 -3.97 -27.10
CA GLN D 95 -5.04 -4.86 -27.57
C GLN D 95 -5.27 -6.25 -27.00
N ALA D 96 -5.10 -7.29 -27.79
CA ALA D 96 -5.33 -8.66 -27.34
C ALA D 96 -4.60 -9.09 -26.07
N PRO D 97 -5.32 -9.74 -25.16
CA PRO D 97 -4.76 -10.24 -23.92
C PRO D 97 -3.98 -11.48 -24.23
N LEU D 98 -3.02 -11.80 -23.39
CA LEU D 98 -2.25 -12.98 -23.66
C LEU D 98 -3.07 -14.23 -23.48
N LYS D 99 -3.86 -14.27 -22.43
CA LYS D 99 -4.65 -15.44 -22.10
C LYS D 99 -6.01 -14.98 -21.60
N VAL D 100 -7.06 -15.63 -22.05
CA VAL D 100 -8.41 -15.37 -21.54
C VAL D 100 -8.93 -16.66 -20.93
N SER D 101 -8.96 -16.72 -19.61
CA SER D 101 -9.69 -17.73 -18.87
C SER D 101 -11.16 -17.30 -18.74
N TYR D 102 -12.00 -18.14 -18.19
CA TYR D 102 -13.39 -17.78 -18.06
C TYR D 102 -13.93 -18.33 -16.79
N GLY D 103 -14.19 -17.48 -15.81
CA GLY D 103 -14.74 -17.96 -14.56
C GLY D 103 -13.67 -18.32 -13.58
N ILE D 104 -14.05 -19.02 -12.53
CA ILE D 104 -13.08 -19.43 -11.55
C ILE D 104 -12.86 -20.93 -11.50
N GLY D 105 -11.80 -21.34 -10.83
CA GLY D 105 -11.45 -22.73 -10.68
C GLY D 105 -12.40 -23.69 -9.98
N ASP D 106 -13.58 -23.26 -9.57
CA ASP D 106 -14.49 -24.20 -8.94
C ASP D 106 -15.77 -24.22 -9.70
N GLU D 107 -16.16 -25.37 -10.23
CA GLU D 107 -17.34 -25.49 -11.08
C GLU D 107 -18.71 -25.19 -10.49
N GLU D 108 -18.83 -25.12 -9.17
CA GLU D 108 -20.06 -24.77 -8.53
C GLU D 108 -20.48 -23.33 -8.90
N HIS D 109 -19.51 -22.44 -8.99
CA HIS D 109 -19.77 -21.04 -9.30
C HIS D 109 -19.48 -20.58 -10.72
N ASP D 110 -19.42 -21.48 -11.69
CA ASP D 110 -19.14 -21.11 -13.07
C ASP D 110 -20.35 -21.22 -13.98
N GLN D 111 -21.52 -21.54 -13.43
CA GLN D 111 -22.69 -21.73 -14.28
C GLN D 111 -23.33 -20.44 -14.71
N GLU D 112 -23.11 -19.39 -13.94
CA GLU D 112 -23.76 -18.10 -14.14
C GLU D 112 -23.08 -17.05 -14.94
N GLY D 113 -21.97 -17.36 -15.57
CA GLY D 113 -21.24 -16.46 -16.43
C GLY D 113 -21.01 -15.12 -15.84
N ARG D 114 -20.15 -15.05 -14.86
CA ARG D 114 -19.94 -13.85 -14.14
C ARG D 114 -18.55 -13.44 -14.00
N VAL D 115 -17.60 -14.18 -14.49
CA VAL D 115 -16.23 -13.79 -14.29
C VAL D 115 -15.45 -14.02 -15.53
N ILE D 116 -14.63 -13.08 -15.95
CA ILE D 116 -13.67 -13.27 -17.02
C ILE D 116 -12.30 -12.97 -16.46
N VAL D 117 -11.26 -13.72 -16.85
CA VAL D 117 -9.91 -13.40 -16.44
C VAL D 117 -9.14 -13.04 -17.71
N ALA D 118 -8.46 -11.91 -17.72
CA ALA D 118 -7.69 -11.49 -18.87
C ALA D 118 -6.25 -11.27 -18.47
N GLU D 119 -5.32 -11.88 -19.19
CA GLU D 119 -3.92 -11.81 -18.85
C GLU D 119 -3.07 -11.03 -19.81
N PHE D 120 -2.32 -10.11 -19.26
CA PHE D 120 -1.41 -9.27 -20.01
C PHE D 120 -0.01 -9.48 -19.48
N ASP D 121 0.97 -8.85 -20.10
CA ASP D 121 2.33 -9.06 -19.65
C ASP D 121 2.62 -8.48 -18.28
N SER D 122 2.13 -7.30 -18.02
CA SER D 122 2.40 -6.62 -16.77
C SER D 122 1.52 -7.03 -15.61
N PHE D 123 0.30 -7.44 -15.91
CA PHE D 123 -0.63 -7.81 -14.86
C PHE D 123 -1.75 -8.67 -15.37
N VAL D 124 -2.57 -9.17 -14.46
CA VAL D 124 -3.72 -9.98 -14.85
C VAL D 124 -5.02 -9.29 -14.43
N LEU D 125 -5.87 -8.98 -15.39
CA LEU D 125 -7.13 -8.32 -15.11
C LEU D 125 -8.20 -9.37 -14.86
N VAL D 126 -9.08 -9.11 -13.88
CA VAL D 126 -10.23 -9.96 -13.60
C VAL D 126 -11.44 -9.07 -13.49
N THR D 127 -12.54 -9.43 -14.12
CA THR D 127 -13.77 -8.71 -13.99
C THR D 127 -14.81 -9.68 -13.53
N ALA D 128 -15.70 -9.25 -12.66
CA ALA D 128 -16.71 -10.16 -12.18
C ALA D 128 -17.98 -9.46 -11.81
N TYR D 129 -19.06 -10.21 -11.83
CA TYR D 129 -20.33 -9.71 -11.40
C TYR D 129 -20.57 -10.63 -10.25
N VAL D 130 -20.48 -10.15 -9.03
CA VAL D 130 -20.64 -11.01 -7.88
C VAL D 130 -22.12 -11.22 -7.59
N PRO D 131 -22.49 -12.44 -7.22
CA PRO D 131 -23.86 -12.82 -6.94
C PRO D 131 -24.48 -12.07 -5.79
N ASN D 132 -25.70 -11.65 -6.02
CA ASN D 132 -26.48 -10.94 -5.05
C ASN D 132 -27.04 -11.89 -4.03
N ALA D 133 -27.18 -11.45 -2.79
CA ALA D 133 -27.78 -12.26 -1.74
C ALA D 133 -29.23 -12.49 -2.05
N GLY D 134 -29.90 -11.49 -2.57
CA GLY D 134 -31.28 -11.61 -2.96
C GLY D 134 -32.24 -11.18 -1.89
N ARG D 135 -33.47 -10.98 -2.30
CA ARG D 135 -34.49 -10.60 -1.33
C ARG D 135 -34.62 -11.70 -0.28
N GLY D 136 -34.59 -11.31 0.99
CA GLY D 136 -34.69 -12.24 2.06
C GLY D 136 -33.44 -12.99 2.30
N LEU D 137 -32.33 -12.52 1.74
CA LEU D 137 -31.04 -13.17 1.89
C LEU D 137 -31.13 -14.63 1.59
N VAL D 138 -32.05 -15.01 0.72
CA VAL D 138 -32.19 -16.41 0.39
C VAL D 138 -30.90 -17.01 -0.15
N ARG D 139 -30.08 -16.18 -0.76
CA ARG D 139 -28.84 -16.64 -1.34
C ARG D 139 -27.62 -16.21 -0.59
N LEU D 140 -27.80 -15.86 0.66
CA LEU D 140 -26.69 -15.42 1.46
C LEU D 140 -25.64 -16.47 1.73
N GLU D 141 -26.05 -17.70 1.99
CA GLU D 141 -25.02 -18.68 2.30
C GLU D 141 -24.39 -19.26 1.04
N TYR D 142 -25.07 -19.24 -0.11
CA TYR D 142 -24.33 -19.41 -1.35
C TYR D 142 -23.29 -18.31 -1.51
N ARG D 143 -23.74 -17.05 -1.36
CA ARG D 143 -22.84 -15.91 -1.46
C ARG D 143 -21.67 -16.02 -0.48
N GLN D 144 -21.94 -16.46 0.76
CA GLN D 144 -20.85 -16.70 1.68
C GLN D 144 -19.86 -17.71 1.09
N ARG D 145 -20.37 -18.75 0.42
CA ARG D 145 -19.49 -19.71 -0.24
C ARG D 145 -18.74 -19.06 -1.39
N TRP D 146 -19.43 -18.28 -2.23
CA TRP D 146 -18.78 -17.56 -3.32
C TRP D 146 -17.61 -16.71 -2.81
N ASP D 147 -17.83 -15.91 -1.76
CA ASP D 147 -16.76 -15.03 -1.29
C ASP D 147 -15.50 -15.82 -1.01
N GLU D 148 -15.64 -16.98 -0.36
CA GLU D 148 -14.47 -17.76 0.02
C GLU D 148 -13.83 -18.41 -1.20
N ALA D 149 -14.64 -18.94 -2.09
CA ALA D 149 -14.11 -19.54 -3.29
C ALA D 149 -13.46 -18.47 -4.11
N PHE D 150 -14.16 -17.37 -4.30
CA PHE D 150 -13.66 -16.26 -5.08
C PHE D 150 -12.40 -15.72 -4.47
N ARG D 151 -12.36 -15.68 -3.15
CA ARG D 151 -11.21 -15.14 -2.48
C ARG D 151 -9.97 -15.91 -2.82
N LYS D 152 -9.97 -17.18 -2.49
CA LYS D 152 -8.78 -17.99 -2.75
C LYS D 152 -8.43 -18.14 -4.21
N PHE D 153 -9.40 -17.95 -5.09
CA PHE D 153 -9.10 -18.03 -6.50
C PHE D 153 -8.25 -16.86 -6.88
N LEU D 154 -8.56 -15.70 -6.32
CA LEU D 154 -7.79 -14.51 -6.58
C LEU D 154 -6.44 -14.54 -5.89
N LYS D 155 -6.33 -15.22 -4.76
CA LYS D 155 -5.04 -15.27 -4.08
C LYS D 155 -4.06 -16.06 -4.91
N GLY D 156 -4.54 -17.09 -5.58
CA GLY D 156 -3.68 -17.87 -6.46
C GLY D 156 -3.24 -17.09 -7.68
N LEU D 157 -4.11 -16.20 -8.20
CA LEU D 157 -3.71 -15.34 -9.30
C LEU D 157 -2.67 -14.30 -8.84
N ALA D 158 -2.87 -13.74 -7.64
CA ALA D 158 -1.97 -12.70 -7.17
C ALA D 158 -0.58 -13.25 -6.86
N SER D 159 -0.47 -14.56 -6.64
CA SER D 159 0.85 -15.17 -6.49
C SER D 159 1.63 -15.17 -7.81
N ARG D 160 0.93 -15.20 -8.94
CA ARG D 160 1.55 -15.25 -10.26
C ARG D 160 1.87 -13.87 -10.83
N LYS D 161 1.08 -12.85 -10.50
CA LYS D 161 1.10 -11.65 -11.31
C LYS D 161 0.31 -10.56 -10.61
N PRO D 162 0.70 -9.29 -10.77
CA PRO D 162 -0.14 -8.21 -10.23
C PRO D 162 -1.57 -8.33 -10.74
N LEU D 163 -2.52 -8.27 -9.80
CA LEU D 163 -3.92 -8.51 -10.08
C LEU D 163 -4.75 -7.24 -9.96
N VAL D 164 -5.63 -7.04 -10.93
CA VAL D 164 -6.60 -5.96 -10.93
C VAL D 164 -7.97 -6.59 -10.99
N LEU D 165 -8.72 -6.50 -9.89
CA LEU D 165 -10.10 -6.96 -9.84
C LEU D 165 -11.04 -5.77 -10.03
N CYS D 166 -11.95 -5.87 -10.99
CA CYS D 166 -12.88 -4.76 -11.19
C CYS D 166 -14.29 -5.26 -11.43
N GLY D 167 -15.27 -4.38 -11.16
CA GLY D 167 -16.65 -4.65 -11.50
C GLY D 167 -17.55 -4.80 -10.29
N ASP D 168 -18.82 -5.08 -10.56
CA ASP D 168 -19.86 -5.18 -9.55
C ASP D 168 -19.63 -6.26 -8.51
N LEU D 169 -19.25 -5.86 -7.31
CA LEU D 169 -18.98 -6.83 -6.27
C LEU D 169 -20.14 -7.10 -5.35
N ASN D 170 -21.23 -6.40 -5.57
CA ASN D 170 -22.44 -6.60 -4.79
C ASN D 170 -22.30 -6.48 -3.28
N VAL D 171 -21.53 -5.50 -2.83
CA VAL D 171 -21.36 -5.25 -1.41
C VAL D 171 -20.78 -3.88 -1.21
N ALA D 172 -21.27 -3.18 -0.21
CA ALA D 172 -20.77 -1.86 0.18
C ALA D 172 -20.03 -2.04 1.50
N HIS D 173 -18.71 -1.85 1.47
CA HIS D 173 -17.86 -2.44 2.49
C HIS D 173 -18.16 -1.89 3.87
N GLU D 174 -18.03 -0.58 4.04
CA GLU D 174 -18.27 0.12 5.29
C GLU D 174 -19.46 1.06 5.15
N GLU D 175 -19.85 1.69 6.26
CA GLU D 175 -21.08 2.49 6.25
C GLU D 175 -20.99 3.67 5.28
N ILE D 176 -19.79 4.17 5.03
CA ILE D 176 -19.65 5.33 4.15
C ILE D 176 -20.08 5.00 2.74
N ASP D 177 -20.05 3.71 2.37
CA ASP D 177 -20.25 3.22 1.02
C ASP D 177 -21.73 3.12 0.62
N LEU D 178 -22.65 3.62 1.43
CA LEU D 178 -24.07 3.65 1.05
C LEU D 178 -24.79 4.59 2.00
N ARG D 179 -25.87 5.18 1.50
CA ARG D 179 -26.49 6.30 2.21
C ARG D 179 -27.39 5.87 3.36
N ASN D 180 -27.69 4.59 3.54
CA ASN D 180 -28.62 4.14 4.57
C ASN D 180 -28.04 2.97 5.36
N PRO D 181 -26.87 3.12 5.94
CA PRO D 181 -26.18 1.95 6.48
C PRO D 181 -26.92 1.26 7.64
N LYS D 182 -28.08 1.71 8.10
CA LYS D 182 -28.75 0.89 9.11
C LYS D 182 -30.08 0.31 8.66
N GLY D 183 -30.90 1.08 7.96
CA GLY D 183 -32.09 0.48 7.37
C GLY D 183 -31.76 -0.73 6.50
N ASN D 184 -30.47 -0.97 6.24
CA ASN D 184 -30.02 -2.02 5.34
C ASN D 184 -28.94 -2.88 6.00
N LYS D 185 -29.00 -3.08 7.32
CA LYS D 185 -28.01 -3.97 7.95
C LYS D 185 -28.39 -5.43 7.78
N LYS D 186 -29.69 -5.71 7.84
CA LYS D 186 -30.29 -7.02 7.54
C LYS D 186 -30.73 -7.11 6.08
N ASN D 187 -29.98 -6.54 5.14
CA ASN D 187 -30.41 -6.44 3.75
C ASN D 187 -29.26 -6.81 2.84
N ALA D 188 -29.60 -7.39 1.69
CA ALA D 188 -28.59 -7.90 0.78
C ALA D 188 -27.70 -6.77 0.27
N GLY D 189 -26.40 -7.03 0.25
CA GLY D 189 -25.43 -6.06 -0.16
C GLY D 189 -24.69 -5.44 1.00
N PHE D 190 -25.30 -5.41 2.19
CA PHE D 190 -24.69 -4.79 3.35
C PHE D 190 -24.72 -5.64 4.62
N THR D 191 -25.26 -6.86 4.57
CA THR D 191 -25.18 -7.73 5.74
C THR D 191 -23.73 -7.87 6.18
N PRO D 192 -23.48 -8.06 7.46
CA PRO D 192 -22.09 -8.22 7.92
C PRO D 192 -21.36 -9.36 7.23
N GLN D 193 -22.04 -10.48 6.90
CA GLN D 193 -21.37 -11.62 6.27
C GLN D 193 -20.86 -11.27 4.88
N GLU D 194 -21.55 -10.38 4.15
CA GLU D 194 -20.99 -9.81 2.93
C GLU D 194 -19.92 -8.76 3.21
N ARG D 195 -20.03 -7.99 4.29
CA ARG D 195 -18.96 -7.02 4.58
C ARG D 195 -17.72 -7.73 5.10
N GLN D 196 -17.89 -8.69 6.01
CA GLN D 196 -16.76 -9.48 6.49
C GLN D 196 -16.00 -10.13 5.34
N GLY D 197 -16.71 -10.51 4.27
CA GLY D 197 -16.08 -11.12 3.13
C GLY D 197 -15.13 -10.18 2.43
N PHE D 198 -15.66 -9.03 2.02
CA PHE D 198 -14.82 -7.97 1.45
C PHE D 198 -13.65 -7.65 2.35
N GLY D 199 -13.87 -7.60 3.64
CA GLY D 199 -12.79 -7.31 4.55
C GLY D 199 -11.69 -8.33 4.43
N GLU D 200 -12.07 -9.58 4.53
CA GLU D 200 -11.12 -10.66 4.42
C GLU D 200 -10.49 -10.74 3.05
N LEU D 201 -11.28 -10.46 2.02
CA LEU D 201 -10.78 -10.48 0.66
C LEU D 201 -9.58 -9.57 0.55
N LEU D 202 -9.68 -8.37 1.12
CA LEU D 202 -8.56 -7.43 1.12
C LEU D 202 -7.40 -7.96 1.94
N GLN D 203 -7.69 -8.64 3.04
CA GLN D 203 -6.62 -9.17 3.88
C GLN D 203 -5.91 -10.32 3.18
N ALA D 204 -6.65 -11.24 2.57
CA ALA D 204 -6.08 -12.52 2.10
C ALA D 204 -5.15 -12.32 0.91
N VAL D 205 -5.68 -11.75 -0.18
CA VAL D 205 -5.02 -11.79 -1.48
C VAL D 205 -3.62 -11.16 -1.46
N PRO D 206 -3.41 -9.89 -1.02
CA PRO D 206 -4.22 -8.77 -0.52
C PRO D 206 -4.55 -7.74 -1.61
N LEU D 207 -5.66 -7.04 -1.44
CA LEU D 207 -6.11 -6.07 -2.41
C LEU D 207 -6.45 -4.79 -1.69
N ALA D 208 -6.53 -3.70 -2.44
CA ALA D 208 -6.80 -2.38 -1.90
C ALA D 208 -7.99 -1.77 -2.63
N ASP D 209 -8.81 -1.01 -1.90
CA ASP D 209 -9.97 -0.37 -2.52
C ASP D 209 -9.48 0.90 -3.20
N SER D 210 -9.26 0.82 -4.51
CA SER D 210 -8.62 1.89 -5.25
C SER D 210 -9.25 3.24 -4.97
N PHE D 211 -10.58 3.30 -4.97
CA PHE D 211 -11.24 4.58 -4.71
C PHE D 211 -11.05 4.96 -3.25
N ARG D 212 -11.55 4.11 -2.34
CA ARG D 212 -11.45 4.42 -0.93
C ARG D 212 -10.02 4.69 -0.49
N HIS D 213 -9.03 4.15 -1.20
CA HIS D 213 -7.64 4.39 -0.82
C HIS D 213 -7.21 5.80 -1.20
N LEU D 214 -7.61 6.28 -2.37
CA LEU D 214 -7.30 7.67 -2.70
C LEU D 214 -8.20 8.64 -1.94
N TYR D 215 -9.44 8.25 -1.66
CA TYR D 215 -10.43 9.14 -1.05
C TYR D 215 -10.96 8.52 0.24
N PRO D 216 -10.11 8.43 1.27
CA PRO D 216 -10.47 7.67 2.49
C PRO D 216 -11.62 8.26 3.28
N ASN D 217 -12.04 9.49 2.99
CA ASN D 217 -13.06 10.11 3.81
C ASN D 217 -14.24 10.60 3.01
N THR D 218 -14.13 10.68 1.70
CA THR D 218 -15.22 11.21 0.91
C THR D 218 -16.50 10.42 1.13
N PRO D 219 -17.58 11.04 1.58
CA PRO D 219 -18.87 10.35 1.63
C PRO D 219 -19.69 10.59 0.36
N TYR D 220 -20.81 9.87 0.27
CA TYR D 220 -21.84 9.97 -0.78
C TYR D 220 -21.39 9.48 -2.18
N ALA D 221 -20.26 8.78 -2.29
CA ALA D 221 -19.78 8.35 -3.60
C ALA D 221 -20.38 6.99 -3.90
N TYR D 222 -21.32 6.94 -4.84
CA TYR D 222 -22.06 5.71 -5.08
C TYR D 222 -22.03 5.34 -6.57
N THR D 223 -22.22 4.05 -6.82
CA THR D 223 -22.19 3.49 -8.15
C THR D 223 -23.53 2.94 -8.60
N PHE D 224 -24.48 2.75 -7.69
CA PHE D 224 -25.78 2.16 -8.00
C PHE D 224 -26.87 2.96 -7.29
N TRP D 225 -27.90 3.37 -8.02
CA TRP D 225 -29.11 3.93 -7.46
C TRP D 225 -30.29 3.12 -7.96
N THR D 226 -31.05 2.56 -7.03
CA THR D 226 -32.16 1.70 -7.41
C THR D 226 -33.12 2.42 -8.34
N ALA D 227 -33.77 1.65 -9.21
CA ALA D 227 -34.70 2.21 -10.18
C ALA D 227 -35.85 2.93 -9.50
N MET D 228 -36.36 2.36 -8.41
CA MET D 228 -37.57 2.85 -7.77
C MET D 228 -37.31 4.07 -6.91
N MET D 229 -38.37 4.86 -6.72
CA MET D 229 -38.45 5.87 -5.64
C MET D 229 -37.34 6.93 -5.74
N ASN D 230 -37.00 7.34 -6.97
CA ASN D 230 -36.25 8.55 -7.29
C ASN D 230 -34.80 8.53 -6.81
N ALA D 231 -34.30 7.37 -6.35
CA ALA D 231 -33.03 7.30 -5.64
C ALA D 231 -31.93 8.09 -6.32
N ARG D 232 -31.86 8.08 -7.65
CA ARG D 232 -30.66 8.63 -8.27
C ARG D 232 -30.61 10.15 -8.15
N SER D 233 -31.74 10.83 -8.36
CA SER D 233 -31.67 12.29 -8.28
C SER D 233 -31.42 12.75 -6.85
N LYS D 234 -31.85 11.97 -5.86
CA LYS D 234 -31.55 12.24 -4.45
C LYS D 234 -30.20 11.70 -4.01
N ASN D 235 -29.39 11.16 -4.92
CA ASN D 235 -28.11 10.51 -4.61
C ASN D 235 -28.23 9.46 -3.50
N VAL D 236 -29.30 8.67 -3.54
CA VAL D 236 -29.50 7.63 -2.55
C VAL D 236 -29.12 6.28 -3.16
N GLY D 237 -27.84 5.96 -3.12
CA GLY D 237 -27.34 4.77 -3.76
C GLY D 237 -26.37 4.00 -2.93
N TRP D 238 -25.63 3.09 -3.55
CA TRP D 238 -24.60 2.32 -2.88
C TRP D 238 -23.34 2.33 -3.73
N ARG D 239 -22.21 2.09 -3.09
CA ARG D 239 -20.97 1.87 -3.83
C ARG D 239 -20.77 0.36 -3.95
N LEU D 240 -21.27 -0.18 -5.06
CA LEU D 240 -21.22 -1.61 -5.34
C LEU D 240 -20.09 -1.99 -6.28
N ASP D 241 -19.63 -1.08 -7.15
CA ASP D 241 -18.61 -1.39 -8.13
C ASP D 241 -17.24 -0.85 -7.68
N TYR D 242 -16.18 -1.62 -7.93
CA TYR D 242 -14.86 -1.30 -7.38
C TYR D 242 -13.76 -1.48 -8.41
N PHE D 243 -12.53 -1.13 -7.98
CA PHE D 243 -11.29 -1.58 -8.62
C PHE D 243 -10.38 -1.99 -7.48
N LEU D 244 -10.11 -3.27 -7.32
CA LEU D 244 -9.24 -3.68 -6.24
C LEU D 244 -7.88 -4.04 -6.82
N LEU D 245 -6.82 -3.73 -6.10
CA LEU D 245 -5.48 -3.81 -6.69
C LEU D 245 -4.52 -4.56 -5.79
N SER D 246 -3.70 -5.40 -6.40
CA SER D 246 -2.52 -5.90 -5.71
C SER D 246 -1.76 -4.71 -5.14
N HIS D 247 -1.30 -4.86 -3.89
CA HIS D 247 -0.64 -3.73 -3.21
C HIS D 247 0.56 -3.27 -4.00
N SER D 248 1.22 -4.21 -4.71
CA SER D 248 2.28 -3.86 -5.63
C SER D 248 1.81 -2.86 -6.68
N LEU D 249 0.52 -2.84 -6.99
CA LEU D 249 0.06 -1.97 -8.04
C LEU D 249 -0.21 -0.56 -7.57
N LEU D 250 -0.13 -0.31 -6.24
CA LEU D 250 -0.42 1.04 -5.75
C LEU D 250 0.48 2.10 -6.35
N PRO D 251 1.84 1.98 -6.29
CA PRO D 251 2.68 3.07 -6.84
C PRO D 251 2.28 3.54 -8.24
N ALA D 252 1.45 2.77 -8.93
CA ALA D 252 1.06 3.05 -10.31
C ALA D 252 -0.36 3.57 -10.43
N LEU D 253 -1.14 3.52 -9.36
CA LEU D 253 -2.49 4.09 -9.35
C LEU D 253 -2.43 5.62 -9.41
N CYS D 254 -3.04 6.20 -10.45
CA CYS D 254 -3.11 7.64 -10.63
C CYS D 254 -4.43 8.23 -10.12
N ASP D 255 -5.54 7.58 -10.46
CA ASP D 255 -6.87 7.98 -10.05
C ASP D 255 -7.93 6.91 -10.29
N SER D 256 -8.98 6.92 -9.49
CA SER D 256 -10.09 6.00 -9.65
C SER D 256 -11.32 6.89 -9.72
N LYS D 257 -12.08 6.79 -10.79
CA LYS D 257 -13.23 7.66 -10.95
C LYS D 257 -14.57 7.01 -10.86
N ILE D 258 -15.58 7.82 -10.59
CA ILE D 258 -16.97 7.42 -10.50
C ILE D 258 -17.67 8.38 -11.42
N ARG D 259 -18.08 7.92 -12.58
CA ARG D 259 -18.69 8.79 -13.59
C ARG D 259 -20.18 8.86 -13.34
N SER D 260 -20.52 9.52 -12.23
CA SER D 260 -21.90 9.53 -11.72
C SER D 260 -22.88 10.24 -12.64
N LYS D 261 -22.41 10.92 -13.68
CA LYS D 261 -23.30 11.59 -14.61
C LYS D 261 -23.68 10.74 -15.83
N ALA D 262 -23.05 9.58 -16.01
CA ALA D 262 -23.25 8.79 -17.22
C ALA D 262 -24.44 7.85 -17.05
N LEU D 263 -25.46 8.03 -17.89
CA LEU D 263 -26.72 7.31 -17.75
C LEU D 263 -26.75 6.07 -18.65
N GLY D 264 -27.85 5.32 -18.54
CA GLY D 264 -28.06 4.17 -19.41
C GLY D 264 -28.29 2.88 -18.68
N SER D 265 -28.41 2.98 -17.37
CA SER D 265 -28.36 1.80 -16.52
C SER D 265 -28.56 2.25 -15.09
N ASP D 266 -29.06 1.37 -14.24
CA ASP D 266 -29.16 1.80 -12.85
C ASP D 266 -27.80 1.83 -12.17
N HIS D 267 -26.73 1.56 -12.93
CA HIS D 267 -25.36 1.71 -12.47
C HIS D 267 -24.68 2.78 -13.30
N CYS D 268 -23.60 3.32 -12.73
CA CYS D 268 -22.75 4.29 -13.39
C CYS D 268 -21.38 3.68 -13.63
N PRO D 269 -20.65 4.19 -14.62
CA PRO D 269 -19.33 3.66 -14.91
C PRO D 269 -18.34 3.97 -13.79
N ILE D 270 -17.31 3.14 -13.71
CA ILE D 270 -16.10 3.48 -12.98
C ILE D 270 -14.93 3.34 -13.93
N THR D 271 -13.92 4.19 -13.75
CA THR D 271 -12.76 4.19 -14.63
C THR D 271 -11.49 4.24 -13.80
N LEU D 272 -10.55 3.36 -14.09
CA LEU D 272 -9.29 3.28 -13.37
C LEU D 272 -8.15 3.71 -14.28
N TYR D 273 -7.30 4.62 -13.79
CA TYR D 273 -6.08 5.05 -14.48
C TYR D 273 -4.89 4.48 -13.72
N LEU D 274 -4.07 3.73 -14.41
CA LEU D 274 -2.86 3.17 -13.82
C LEU D 274 -1.68 3.62 -14.64
N ALA D 275 -0.51 3.56 -14.05
CA ALA D 275 0.71 3.93 -14.72
C ALA D 275 1.63 2.75 -14.69
N LEU D 276 1.38 1.81 -15.58
CA LEU D 276 2.24 0.62 -15.66
C LEU D 276 3.34 0.80 -16.69
O5' DV3 E 11 -27.54 -5.39 -6.87
O5' DV3 E 11 -27.29 -5.27 -6.88
P DV3 E 11 -27.65 -5.96 -7.87
P DV3 E 11 -27.62 -6.00 -7.95
SP3 DV3 E 11 -27.46 -7.84 -7.44
SP3 DV3 E 11 -26.67 -4.83 -9.39
OP2 DV3 E 11 -26.67 -4.89 -9.18
OP2 DV3 E 11 -27.29 -7.78 -7.64
C2' DV3 E 11 -28.26 -2.97 -3.62
C2' DV3 E 11 -28.28 -3.00 -3.69
C5' DV3 E 11 -28.48 -4.43 -6.48
C5' DV3 E 11 -28.44 -4.54 -6.43
C4' DV3 E 11 -28.98 -4.74 -5.08
C4' DV3 E 11 -28.93 -4.83 -5.01
O4' DV3 E 11 -27.88 -5.20 -4.27
O4' DV3 E 11 -27.83 -5.24 -4.15
C1' DV3 E 11 -27.57 -4.27 -3.25
C1' DV3 E 11 -27.47 -4.20 -3.26
C3' DV3 E 11 -29.46 -3.44 -4.42
C3' DV3 E 11 -29.47 -3.59 -4.41
O3' DV3 E 11 -30.56 -3.71 -3.56
O3' DV3 E 11 -30.48 -3.85 -3.42
#